data_5UMX
#
_entry.id   5UMX
#
_cell.length_a   45.059
_cell.length_b   60.915
_cell.length_c   85.659
_cell.angle_alpha   90.00
_cell.angle_beta   90.00
_cell.angle_gamma   90.00
#
_symmetry.space_group_name_H-M   'P 21 21 21'
#
loop_
_entity.id
_entity.type
_entity.pdbx_description
1 polymer 'Glyoxalase/bleomycin resisance protein/dioxygenase'
2 non-polymer RIBOFLAVIN
3 water water
#
_entity_poly.entity_id   1
_entity_poly.type   'polypeptide(L)'
_entity_poly.pdbx_seq_one_letter_code
;HHHHHHSSGLVPRGSHMAISHVQLFSVPVSDQEKAKDFYVETVGFDLLADQPGVHGRWLQVAPKGADTSLVLVDWFPTMP
PGSLRGLLLRTDDVDADCARLQERGVAVDGPKNTPWGRQAMFSDPDGNVIGLNQPSASAG
;
_entity_poly.pdbx_strand_id   A,B
#
# COMPACT_ATOMS: atom_id res chain seq x y z
N SER A 15 23.11 -5.75 -11.71
CA SER A 15 22.41 -6.93 -12.30
C SER A 15 20.89 -6.84 -12.09
N HIS A 16 20.37 -7.35 -10.96
CA HIS A 16 18.93 -7.26 -10.67
C HIS A 16 18.70 -6.42 -9.41
N MET A 17 17.49 -5.86 -9.31
CA MET A 17 17.17 -4.94 -8.21
C MET A 17 17.19 -5.64 -6.86
N ALA A 18 17.58 -4.89 -5.84
CA ALA A 18 17.72 -5.38 -4.46
C ALA A 18 16.51 -5.06 -3.58
N ILE A 19 15.41 -4.69 -4.23
CA ILE A 19 14.17 -4.36 -3.54
C ILE A 19 13.57 -5.67 -3.03
N SER A 20 13.27 -5.73 -1.75
CA SER A 20 12.71 -6.95 -1.13
C SER A 20 11.21 -6.94 -1.00
N HIS A 21 10.64 -5.77 -0.70
CA HIS A 21 9.22 -5.65 -0.45
C HIS A 21 8.84 -4.20 -0.37
N VAL A 22 7.54 -3.94 -0.42
CA VAL A 22 7.02 -2.63 -0.09
C VAL A 22 7.17 -2.43 1.42
N GLN A 23 7.91 -1.40 1.82
CA GLN A 23 8.07 -1.12 3.24
C GLN A 23 6.77 -0.58 3.82
N LEU A 24 6.22 0.41 3.12
CA LEU A 24 4.99 1.04 3.59
C LEU A 24 4.29 1.76 2.47
N PHE A 25 3.01 2.03 2.70
CA PHE A 25 2.22 2.90 1.80
C PHE A 25 1.29 3.75 2.66
N SER A 26 0.70 4.76 2.05
CA SER A 26 -0.01 5.80 2.77
C SER A 26 -1.52 5.67 2.61
N VAL A 27 -2.21 5.97 3.69
CA VAL A 27 -3.67 5.95 3.79
C VAL A 27 -4.10 7.35 4.22
N PRO A 28 -4.92 8.05 3.40
CA PRO A 28 -5.22 9.43 3.66
C PRO A 28 -6.37 9.61 4.65
N VAL A 29 -6.08 10.30 5.75
CA VAL A 29 -7.06 10.49 6.80
C VAL A 29 -7.15 11.96 7.17
N SER A 30 -8.17 12.31 7.96
CA SER A 30 -8.33 13.69 8.42
C SER A 30 -7.86 13.79 9.87
N ASP A 31 -8.69 13.30 10.79
CA ASP A 31 -8.39 13.32 12.21
C ASP A 31 -7.53 12.10 12.47
N GLN A 32 -6.25 12.35 12.69
CA GLN A 32 -5.29 11.28 12.88
C GLN A 32 -5.49 10.53 14.19
N GLU A 33 -5.97 11.21 15.22
CA GLU A 33 -6.20 10.55 16.49
C GLU A 33 -7.33 9.52 16.37
N LYS A 34 -8.39 9.92 15.70
CA LYS A 34 -9.52 9.06 15.36
C LYS A 34 -9.07 7.86 14.50
N ALA A 35 -8.24 8.15 13.49
CA ALA A 35 -7.71 7.07 12.63
C ALA A 35 -6.82 6.11 13.42
N LYS A 36 -5.96 6.65 14.26
CA LYS A 36 -5.12 5.80 15.14
C LYS A 36 -6.01 4.85 15.96
N ASP A 37 -7.02 5.39 16.64
CA ASP A 37 -7.89 4.54 17.47
C ASP A 37 -8.58 3.47 16.63
N PHE A 38 -9.00 3.84 15.43
CA PHE A 38 -9.64 2.87 14.54
C PHE A 38 -8.74 1.71 14.12
N TYR A 39 -7.56 2.05 13.58
CA TYR A 39 -6.69 1.01 13.04
C TYR A 39 -6.09 0.16 14.17
N VAL A 40 -5.76 0.80 15.28
CA VAL A 40 -5.11 0.09 16.39
C VAL A 40 -6.13 -0.65 17.24
N GLU A 41 -7.12 0.05 17.80
CA GLU A 41 -8.07 -0.58 18.71
C GLU A 41 -9.12 -1.42 18.00
N THR A 42 -9.70 -0.89 16.94
CA THR A 42 -10.82 -1.57 16.30
C THR A 42 -10.37 -2.63 15.34
N VAL A 43 -9.47 -2.29 14.43
CA VAL A 43 -8.96 -3.27 13.44
C VAL A 43 -7.87 -4.17 14.03
N GLY A 44 -7.23 -3.72 15.12
CA GLY A 44 -6.30 -4.58 15.86
C GLY A 44 -4.83 -4.48 15.42
N PHE A 45 -4.48 -3.43 14.67
CA PHE A 45 -3.10 -3.34 14.17
C PHE A 45 -2.20 -2.93 15.32
N ASP A 46 -0.92 -3.24 15.19
CA ASP A 46 0.10 -2.70 16.09
C ASP A 46 0.41 -1.26 15.70
N LEU A 47 0.65 -0.44 16.72
CA LEU A 47 1.14 0.91 16.55
C LEU A 47 2.67 0.88 16.46
N LEU A 48 3.20 1.08 15.27
CA LEU A 48 4.65 1.03 15.08
C LEU A 48 5.32 2.31 15.48
N ALA A 49 4.71 3.44 15.12
CA ALA A 49 5.30 4.73 15.42
C ALA A 49 4.24 5.79 15.48
N ASP A 50 4.46 6.78 16.34
CA ASP A 50 3.61 7.94 16.43
C ASP A 50 4.56 9.09 16.68
N GLN A 51 4.94 9.77 15.59
CA GLN A 51 6.12 10.64 15.58
C GLN A 51 5.77 12.03 15.06
N PRO A 52 5.27 12.92 15.93
CA PRO A 52 5.22 14.34 15.53
C PRO A 52 6.61 14.90 15.18
N GLY A 53 6.60 15.93 14.36
CA GLY A 53 7.83 16.53 13.87
C GLY A 53 7.49 17.73 13.02
N VAL A 54 8.52 18.39 12.49
CA VAL A 54 8.36 19.55 11.58
C VAL A 54 7.34 19.31 10.46
N HIS A 55 7.39 18.13 9.85
CA HIS A 55 6.65 17.84 8.61
C HIS A 55 5.24 17.30 8.81
N GLY A 56 4.81 17.17 10.07
CA GLY A 56 3.50 16.60 10.41
C GLY A 56 3.66 15.42 11.35
N ARG A 57 2.56 14.77 11.68
CA ARG A 57 2.54 13.64 12.61
C ARG A 57 2.59 12.32 11.86
N TRP A 58 3.72 11.62 11.98
CA TRP A 58 3.94 10.38 11.29
C TRP A 58 3.35 9.28 12.14
N LEU A 59 2.26 8.70 11.65
CA LEU A 59 1.50 7.71 12.37
C LEU A 59 1.52 6.42 11.56
N GLN A 60 2.14 5.37 12.10
CA GLN A 60 2.45 4.16 11.35
C GLN A 60 1.93 2.93 12.05
N VAL A 61 1.20 2.10 11.32
CA VAL A 61 0.49 0.96 11.90
C VAL A 61 0.63 -0.25 11.01
N ALA A 62 0.55 -1.45 11.57
CA ALA A 62 0.57 -2.65 10.75
C ALA A 62 -0.03 -3.82 11.49
N PRO A 63 -0.57 -4.78 10.75
CA PRO A 63 -0.83 -6.09 11.40
C PRO A 63 0.44 -6.61 12.01
N LYS A 64 0.35 -7.17 13.23
CA LYS A 64 1.53 -7.62 13.94
C LYS A 64 2.42 -8.54 13.12
N GLY A 65 3.70 -8.18 13.00
CA GLY A 65 4.63 -8.98 12.27
C GLY A 65 4.63 -8.83 10.75
N ALA A 66 3.80 -7.95 10.22
CA ALA A 66 3.71 -7.79 8.75
C ALA A 66 4.88 -6.96 8.23
N ASP A 67 5.37 -7.32 7.03
CA ASP A 67 6.50 -6.63 6.42
C ASP A 67 6.13 -5.24 5.92
N THR A 68 4.90 -5.11 5.42
CA THR A 68 4.45 -3.86 4.84
C THR A 68 3.50 -3.15 5.78
N SER A 69 3.81 -1.89 6.12
CA SER A 69 2.99 -1.12 7.04
C SER A 69 2.24 0.02 6.32
N LEU A 70 1.38 0.68 7.09
CA LEU A 70 0.48 1.74 6.62
C LEU A 70 0.77 3.00 7.41
N VAL A 71 0.88 4.14 6.70
CA VAL A 71 1.09 5.43 7.34
C VAL A 71 -0.20 6.21 7.16
N LEU A 72 -0.71 6.70 8.28
CA LEU A 72 -2.00 7.36 8.32
C LEU A 72 -1.75 8.86 8.25
N VAL A 73 -1.86 9.40 7.03
CA VAL A 73 -1.26 10.69 6.64
C VAL A 73 -2.37 11.68 6.35
N ASP A 74 -2.12 12.95 6.61
CA ASP A 74 -3.04 13.99 6.23
C ASP A 74 -2.36 15.06 5.38
N TRP A 75 -1.17 14.75 4.86
CA TRP A 75 -0.36 15.82 4.23
C TRP A 75 -0.14 15.69 2.73
N PHE A 76 -0.85 14.78 2.06
CA PHE A 76 -0.74 14.68 0.60
C PHE A 76 -2.00 15.23 -0.06
N PRO A 77 -1.95 16.49 -0.57
CA PRO A 77 -3.11 17.08 -1.19
C PRO A 77 -3.77 16.24 -2.32
N THR A 78 -2.96 15.48 -3.04
CA THR A 78 -3.46 14.64 -4.13
C THR A 78 -4.15 13.36 -3.65
N MET A 79 -4.09 13.08 -2.35
CA MET A 79 -4.83 11.98 -1.73
C MET A 79 -5.77 12.56 -0.68
N PRO A 80 -6.98 12.98 -1.09
CA PRO A 80 -7.91 13.55 -0.11
C PRO A 80 -8.30 12.52 0.97
N PRO A 81 -8.60 12.97 2.19
CA PRO A 81 -9.04 12.01 3.18
C PRO A 81 -10.20 11.15 2.70
N GLY A 82 -10.09 9.85 2.94
CA GLY A 82 -11.14 8.94 2.62
C GLY A 82 -11.20 8.50 1.18
N SER A 83 -10.21 8.88 0.38
CA SER A 83 -10.22 8.60 -1.07
C SER A 83 -9.68 7.22 -1.46
N LEU A 84 -9.07 6.50 -0.52
CA LEU A 84 -8.40 5.24 -0.87
C LEU A 84 -9.39 4.11 -1.10
N ARG A 85 -9.12 3.32 -2.13
CA ARG A 85 -9.88 2.12 -2.47
C ARG A 85 -8.89 1.03 -2.85
N GLY A 86 -9.40 -0.19 -2.96
CA GLY A 86 -8.60 -1.30 -3.54
C GLY A 86 -7.51 -1.83 -2.62
N LEU A 87 -7.79 -1.78 -1.32
CA LEU A 87 -6.90 -2.29 -0.27
C LEU A 87 -7.49 -3.59 0.28
N LEU A 88 -6.71 -4.65 0.28
CA LEU A 88 -7.18 -5.92 0.76
C LEU A 88 -6.24 -6.50 1.82
N LEU A 89 -6.79 -6.82 2.97
CA LEU A 89 -6.04 -7.44 4.06
C LEU A 89 -6.25 -8.95 4.05
N ARG A 90 -5.16 -9.70 4.12
CA ARG A 90 -5.26 -11.16 4.23
C ARG A 90 -5.58 -11.53 5.65
N THR A 91 -6.55 -12.44 5.81
CA THR A 91 -6.91 -12.94 7.13
C THR A 91 -7.00 -14.44 7.09
N ASP A 92 -6.67 -15.07 8.22
CA ASP A 92 -6.81 -16.51 8.36
C ASP A 92 -8.20 -16.91 8.82
N ASP A 93 -9.08 -15.96 9.14
CA ASP A 93 -10.44 -16.29 9.58
C ASP A 93 -11.34 -15.08 9.35
N VAL A 94 -11.78 -14.95 8.11
CA VAL A 94 -12.64 -13.84 7.72
C VAL A 94 -13.97 -13.82 8.47
N ASP A 95 -14.58 -14.99 8.70
CA ASP A 95 -15.86 -15.01 9.43
C ASP A 95 -15.71 -14.50 10.87
N ALA A 96 -14.69 -14.97 11.57
CA ALA A 96 -14.46 -14.52 12.96
C ALA A 96 -14.10 -13.01 12.98
N ASP A 97 -13.29 -12.59 12.01
CA ASP A 97 -12.96 -11.15 11.92
C ASP A 97 -14.15 -10.26 11.65
N CYS A 98 -15.05 -10.72 10.78
CA CYS A 98 -16.27 -9.97 10.49
C CYS A 98 -17.13 -9.90 11.75
N ALA A 99 -17.23 -11.00 12.49
CA ALA A 99 -18.02 -10.99 13.72
C ALA A 99 -17.44 -10.05 14.77
N ARG A 100 -16.11 -10.03 14.89
CA ARG A 100 -15.44 -9.11 15.78
C ARG A 100 -15.66 -7.64 15.36
N LEU A 101 -15.50 -7.37 14.07
CA LEU A 101 -15.70 -6.00 13.60
C LEU A 101 -17.11 -5.50 13.87
N GLN A 102 -18.10 -6.36 13.62
CA GLN A 102 -19.49 -6.02 13.86
C GLN A 102 -19.69 -5.73 15.35
N GLU A 103 -19.14 -6.59 16.20
CA GLU A 103 -19.21 -6.34 17.65
C GLU A 103 -18.54 -5.05 18.09
N ARG A 104 -17.45 -4.68 17.40
CA ARG A 104 -16.72 -3.48 17.71
C ARG A 104 -17.29 -2.21 17.03
N GLY A 105 -18.49 -2.28 16.46
CA GLY A 105 -19.14 -1.12 15.92
C GLY A 105 -18.81 -0.75 14.50
N VAL A 106 -18.51 -1.74 13.67
CA VAL A 106 -18.20 -1.46 12.28
C VAL A 106 -19.18 -2.18 11.35
N ALA A 107 -19.69 -1.45 10.36
CA ALA A 107 -20.57 -2.03 9.35
C ALA A 107 -19.70 -2.85 8.39
N VAL A 108 -20.04 -4.11 8.22
CA VAL A 108 -19.28 -5.01 7.34
C VAL A 108 -20.19 -5.50 6.23
N ASP A 109 -19.73 -5.36 5.00
CA ASP A 109 -20.38 -5.99 3.84
C ASP A 109 -19.72 -7.33 3.54
N GLY A 110 -20.47 -8.41 3.73
CA GLY A 110 -19.95 -9.76 3.64
C GLY A 110 -20.00 -10.50 4.95
N PRO A 111 -19.33 -11.65 5.04
CA PRO A 111 -18.42 -12.15 4.03
C PRO A 111 -19.11 -12.75 2.81
N LYS A 112 -18.38 -12.81 1.70
CA LYS A 112 -18.87 -13.45 0.47
C LYS A 112 -17.79 -14.29 -0.18
N ASN A 113 -18.19 -15.38 -0.83
CA ASN A 113 -17.23 -16.21 -1.55
C ASN A 113 -16.91 -15.62 -2.91
N THR A 114 -15.63 -15.60 -3.27
CA THR A 114 -15.20 -15.16 -4.58
C THR A 114 -14.25 -16.22 -5.12
N PRO A 115 -13.94 -16.15 -6.41
CA PRO A 115 -12.91 -17.05 -6.95
C PRO A 115 -11.56 -16.95 -6.26
N TRP A 116 -11.25 -15.83 -5.61
CA TRP A 116 -9.93 -15.61 -5.00
C TRP A 116 -9.90 -15.65 -3.47
N GLY A 117 -11.01 -16.08 -2.88
CA GLY A 117 -11.11 -16.23 -1.43
C GLY A 117 -12.42 -15.65 -0.92
N ARG A 118 -12.63 -15.81 0.38
CA ARG A 118 -13.84 -15.34 1.04
C ARG A 118 -13.55 -13.94 1.56
N GLN A 119 -14.35 -12.97 1.12
CA GLN A 119 -14.02 -11.55 1.26
C GLN A 119 -15.06 -10.77 2.01
N ALA A 120 -14.66 -9.66 2.62
CA ALA A 120 -15.61 -8.73 3.22
C ALA A 120 -15.06 -7.33 3.06
N MET A 121 -15.92 -6.34 3.16
CA MET A 121 -15.54 -4.93 2.95
C MET A 121 -16.06 -4.08 4.08
N PHE A 122 -15.29 -3.09 4.46
CA PHE A 122 -15.72 -2.09 5.45
C PHE A 122 -14.99 -0.81 5.19
N SER A 123 -15.38 0.27 5.86
CA SER A 123 -14.69 1.54 5.71
C SER A 123 -14.18 2.10 7.01
N ASP A 124 -13.15 2.95 6.92
CA ASP A 124 -12.60 3.61 8.08
C ASP A 124 -13.38 4.93 8.32
N PRO A 125 -13.02 5.69 9.36
CA PRO A 125 -13.77 6.90 9.71
C PRO A 125 -13.85 7.93 8.60
N ASP A 126 -12.83 8.00 7.72
CA ASP A 126 -12.85 8.96 6.60
C ASP A 126 -13.51 8.44 5.35
N GLY A 127 -13.81 7.15 5.31
CA GLY A 127 -14.40 6.54 4.15
C GLY A 127 -13.46 5.80 3.25
N ASN A 128 -12.18 5.63 3.64
CA ASN A 128 -11.30 4.72 2.91
C ASN A 128 -11.86 3.31 2.99
N VAL A 129 -11.83 2.56 1.89
CA VAL A 129 -12.50 1.26 1.79
C VAL A 129 -11.46 0.17 1.95
N ILE A 130 -11.70 -0.71 2.90
CA ILE A 130 -10.77 -1.74 3.34
C ILE A 130 -11.45 -3.08 3.13
N GLY A 131 -10.76 -3.98 2.44
CA GLY A 131 -11.24 -5.37 2.28
C GLY A 131 -10.50 -6.37 3.15
N LEU A 132 -11.17 -7.48 3.45
CA LEU A 132 -10.58 -8.66 4.07
C LEU A 132 -10.69 -9.80 3.10
N ASN A 133 -9.69 -10.66 3.06
CA ASN A 133 -9.75 -11.84 2.18
C ASN A 133 -9.11 -13.03 2.87
N GLN A 134 -9.83 -14.14 2.88
CA GLN A 134 -9.29 -15.42 3.36
C GLN A 134 -9.18 -16.33 2.15
N PRO A 135 -7.97 -16.49 1.58
CA PRO A 135 -7.80 -17.36 0.40
C PRO A 135 -8.19 -18.80 0.63
N SER B 15 -10.66 -13.32 20.56
CA SER B 15 -10.46 -11.95 21.09
C SER B 15 -9.55 -11.04 20.23
N HIS B 16 -8.59 -11.63 19.52
CA HIS B 16 -7.68 -10.87 18.62
C HIS B 16 -8.06 -11.12 17.16
N MET B 17 -7.85 -10.12 16.30
CA MET B 17 -8.13 -10.30 14.88
C MET B 17 -7.15 -11.27 14.23
N ALA B 18 -7.62 -11.95 13.17
CA ALA B 18 -6.87 -12.95 12.44
C ALA B 18 -6.18 -12.40 11.20
N ILE B 19 -6.19 -11.09 11.06
CA ILE B 19 -5.49 -10.44 9.95
C ILE B 19 -3.98 -10.64 10.06
N SER B 20 -3.34 -11.06 8.98
CA SER B 20 -1.89 -11.30 8.96
C SER B 20 -1.07 -10.19 8.32
N HIS B 21 -1.57 -9.67 7.20
CA HIS B 21 -0.81 -8.69 6.43
C HIS B 21 -1.70 -8.09 5.35
N VAL B 22 -1.22 -7.01 4.74
CA VAL B 22 -1.88 -6.44 3.59
C VAL B 22 -1.62 -7.40 2.44
N GLN B 23 -2.66 -7.94 1.85
CA GLN B 23 -2.50 -8.79 0.68
C GLN B 23 -2.09 -7.95 -0.54
N LEU B 24 -2.81 -6.87 -0.75
CA LEU B 24 -2.53 -5.99 -1.89
C LEU B 24 -3.12 -4.63 -1.65
N PHE B 25 -2.59 -3.65 -2.37
CA PHE B 25 -3.16 -2.31 -2.39
C PHE B 25 -3.04 -1.80 -3.81
N SER B 26 -3.68 -0.66 -4.07
CA SER B 26 -3.89 -0.18 -5.46
C SER B 26 -3.12 1.09 -5.76
N VAL B 27 -2.58 1.14 -6.98
CA VAL B 27 -1.80 2.27 -7.49
C VAL B 27 -2.55 2.76 -8.73
N PRO B 28 -2.94 4.05 -8.78
CA PRO B 28 -3.78 4.55 -9.89
C PRO B 28 -2.91 4.92 -11.08
N VAL B 29 -3.17 4.27 -12.22
CA VAL B 29 -2.40 4.51 -13.44
C VAL B 29 -3.36 4.82 -14.58
N SER B 30 -2.84 5.36 -15.68
CA SER B 30 -3.68 5.53 -16.87
C SER B 30 -3.35 4.38 -17.87
N ASP B 31 -2.19 4.44 -18.48
CA ASP B 31 -1.81 3.43 -19.45
C ASP B 31 -1.26 2.21 -18.69
N GLN B 32 -2.10 1.19 -18.55
CA GLN B 32 -1.70 -0.01 -17.81
C GLN B 32 -0.56 -0.82 -18.45
N GLU B 33 -0.50 -0.86 -19.79
CA GLU B 33 0.59 -1.57 -20.47
C GLU B 33 1.92 -0.90 -20.17
N LYS B 34 1.96 0.43 -20.28
CA LYS B 34 3.14 1.22 -19.93
C LYS B 34 3.49 1.07 -18.44
N ALA B 35 2.48 1.04 -17.59
CA ALA B 35 2.72 0.86 -16.16
C ALA B 35 3.27 -0.54 -15.87
N LYS B 36 2.72 -1.54 -16.55
CA LYS B 36 3.22 -2.91 -16.42
C LYS B 36 4.70 -2.96 -16.76
N ASP B 37 5.03 -2.40 -17.91
CA ASP B 37 6.43 -2.45 -18.36
C ASP B 37 7.35 -1.72 -17.41
N PHE B 38 6.90 -0.59 -16.89
CA PHE B 38 7.67 0.13 -15.87
C PHE B 38 7.91 -0.68 -14.60
N TYR B 39 6.85 -1.19 -13.97
CA TYR B 39 7.03 -1.89 -12.70
C TYR B 39 7.76 -3.23 -12.86
N VAL B 40 7.57 -3.92 -13.98
CA VAL B 40 8.18 -5.22 -14.20
C VAL B 40 9.62 -5.10 -14.73
N GLU B 41 9.78 -4.40 -15.84
CA GLU B 41 11.07 -4.34 -16.55
C GLU B 41 12.00 -3.34 -15.88
N THR B 42 11.49 -2.17 -15.55
CA THR B 42 12.33 -1.11 -14.99
C THR B 42 12.58 -1.23 -13.49
N VAL B 43 11.52 -1.46 -12.72
CA VAL B 43 11.68 -1.59 -11.26
C VAL B 43 11.99 -3.04 -10.83
N GLY B 44 11.75 -4.03 -11.69
CA GLY B 44 12.14 -5.43 -11.43
C GLY B 44 11.14 -6.31 -10.71
N PHE B 45 9.90 -5.84 -10.59
CA PHE B 45 8.86 -6.63 -9.96
C PHE B 45 8.48 -7.85 -10.81
N ASP B 46 7.96 -8.87 -10.15
CA ASP B 46 7.28 -9.96 -10.85
C ASP B 46 5.87 -9.56 -11.29
N LEU B 47 5.47 -10.08 -12.47
CA LEU B 47 4.08 -9.98 -12.90
C LEU B 47 3.29 -11.16 -12.35
N LEU B 48 2.42 -10.94 -11.35
CA LEU B 48 1.61 -12.03 -10.79
C LEU B 48 0.38 -12.36 -11.61
N ALA B 49 -0.29 -11.34 -12.14
CA ALA B 49 -1.56 -11.54 -12.83
C ALA B 49 -1.83 -10.40 -13.78
N ASP B 50 -2.43 -10.74 -14.93
CA ASP B 50 -2.89 -9.73 -15.88
C ASP B 50 -4.14 -10.35 -16.51
N GLN B 51 -5.31 -10.03 -15.90
CA GLN B 51 -6.58 -10.69 -16.20
C GLN B 51 -7.71 -9.72 -16.46
N PRO B 52 -8.71 -10.15 -17.25
CA PRO B 52 -9.89 -9.32 -17.39
C PRO B 52 -10.65 -9.34 -16.08
N GLY B 53 -11.06 -8.17 -15.60
CA GLY B 53 -11.84 -8.07 -14.38
C GLY B 53 -13.16 -7.39 -14.58
N VAL B 54 -13.96 -7.37 -13.51
CA VAL B 54 -15.29 -6.77 -13.51
C VAL B 54 -15.18 -5.27 -13.83
N HIS B 55 -14.23 -4.59 -13.21
CA HIS B 55 -14.08 -3.14 -13.39
C HIS B 55 -12.99 -2.73 -14.38
N GLY B 56 -12.25 -3.68 -14.91
CA GLY B 56 -11.16 -3.37 -15.82
C GLY B 56 -10.10 -4.46 -15.75
N ARG B 57 -8.96 -4.15 -16.33
CA ARG B 57 -7.85 -5.06 -16.41
C ARG B 57 -7.22 -5.14 -15.03
N TRP B 58 -7.19 -6.36 -14.49
CA TRP B 58 -6.56 -6.65 -13.19
C TRP B 58 -5.10 -6.95 -13.42
N LEU B 59 -4.24 -6.02 -13.03
CA LEU B 59 -2.81 -6.05 -13.33
C LEU B 59 -2.09 -5.97 -12.00
N GLN B 60 -1.49 -7.10 -11.61
CA GLN B 60 -0.95 -7.29 -10.27
C GLN B 60 0.54 -7.61 -10.32
N VAL B 61 1.34 -6.84 -9.59
CA VAL B 61 2.79 -6.94 -9.61
C VAL B 61 3.33 -6.91 -8.18
N ALA B 62 4.51 -7.47 -7.97
CA ALA B 62 5.08 -7.46 -6.61
C ALA B 62 6.56 -7.72 -6.63
N PRO B 63 7.29 -7.17 -5.65
CA PRO B 63 8.68 -7.60 -5.52
C PRO B 63 8.74 -9.12 -5.41
N LYS B 64 9.75 -9.72 -6.03
CA LYS B 64 9.90 -11.18 -5.96
C LYS B 64 9.90 -11.66 -4.52
N GLY B 65 9.02 -12.63 -4.23
CA GLY B 65 8.94 -13.28 -2.93
C GLY B 65 8.16 -12.54 -1.87
N ALA B 66 7.63 -11.37 -2.20
CA ALA B 66 7.01 -10.50 -1.18
C ALA B 66 5.56 -10.86 -0.91
N ASP B 67 5.14 -10.58 0.32
CA ASP B 67 3.77 -10.88 0.76
C ASP B 67 2.74 -9.93 0.14
N THR B 68 3.07 -8.65 0.08
CA THR B 68 2.13 -7.61 -0.34
C THR B 68 2.36 -7.23 -1.78
N SER B 69 1.32 -7.30 -2.61
CA SER B 69 1.41 -6.93 -4.03
C SER B 69 0.68 -5.61 -4.31
N LEU B 70 0.89 -5.09 -5.52
CA LEU B 70 0.31 -3.82 -5.97
C LEU B 70 -0.60 -4.16 -7.11
N VAL B 71 -1.76 -3.53 -7.19
CA VAL B 71 -2.62 -3.67 -8.37
C VAL B 71 -2.67 -2.32 -9.06
N LEU B 72 -2.42 -2.33 -10.39
CA LEU B 72 -2.28 -1.10 -11.17
C LEU B 72 -3.62 -0.84 -11.83
N VAL B 73 -4.40 0.04 -11.20
CA VAL B 73 -5.83 0.19 -11.52
C VAL B 73 -6.12 1.50 -12.24
N ASP B 74 -7.23 1.54 -12.97
CA ASP B 74 -7.66 2.77 -13.62
C ASP B 74 -9.15 3.09 -13.39
N TRP B 75 -9.78 2.45 -12.41
CA TRP B 75 -11.25 2.50 -12.25
C TRP B 75 -11.77 3.11 -10.94
N PHE B 76 -10.93 3.81 -10.19
CA PHE B 76 -11.35 4.46 -8.96
C PHE B 76 -11.31 5.97 -9.15
N PRO B 77 -12.47 6.60 -9.34
CA PRO B 77 -12.41 8.04 -9.63
C PRO B 77 -11.84 8.89 -8.51
N THR B 78 -11.85 8.39 -7.28
CA THR B 78 -11.27 9.11 -6.14
C THR B 78 -9.75 9.01 -6.07
N MET B 79 -9.17 8.17 -6.94
CA MET B 79 -7.71 8.01 -7.05
C MET B 79 -7.32 8.33 -8.49
N PRO B 80 -7.12 9.62 -8.78
CA PRO B 80 -6.70 9.94 -10.14
C PRO B 80 -5.32 9.36 -10.50
N PRO B 81 -5.07 9.07 -11.78
CA PRO B 81 -3.76 8.57 -12.17
C PRO B 81 -2.65 9.54 -11.74
N GLY B 82 -1.61 9.00 -11.12
CA GLY B 82 -0.47 9.81 -10.72
C GLY B 82 -0.58 10.52 -9.40
N SER B 83 -1.68 10.29 -8.69
CA SER B 83 -2.02 10.95 -7.41
C SER B 83 -1.36 10.35 -6.18
N LEU B 84 -0.78 9.16 -6.33
CA LEU B 84 -0.30 8.45 -5.15
C LEU B 84 1.05 8.99 -4.66
N ARG B 85 1.20 9.01 -3.35
CA ARG B 85 2.39 9.46 -2.65
C ARG B 85 2.61 8.53 -1.45
N GLY B 86 3.83 8.59 -0.91
CA GLY B 86 4.12 7.95 0.37
C GLY B 86 4.19 6.44 0.26
N LEU B 87 4.63 5.94 -0.90
CA LEU B 87 4.84 4.50 -1.13
C LEU B 87 6.34 4.28 -1.11
N LEU B 88 6.82 3.49 -0.16
CA LEU B 88 8.27 3.28 0.02
C LEU B 88 8.62 1.81 -0.12
N LEU B 89 9.66 1.50 -0.91
CA LEU B 89 10.10 0.14 -1.15
C LEU B 89 11.34 -0.10 -0.32
N ARG B 90 11.40 -1.22 0.42
CA ARG B 90 12.59 -1.56 1.17
C ARG B 90 13.58 -2.22 0.22
N THR B 91 14.83 -1.77 0.29
CA THR B 91 15.89 -2.35 -0.53
C THR B 91 17.09 -2.66 0.35
N ASP B 92 17.87 -3.66 -0.05
CA ASP B 92 19.11 -4.02 0.65
C ASP B 92 20.30 -3.26 0.08
N ASP B 93 20.10 -2.51 -1.00
CA ASP B 93 21.19 -1.76 -1.62
C ASP B 93 20.63 -0.57 -2.40
N VAL B 94 20.33 0.49 -1.67
CA VAL B 94 19.68 1.66 -2.28
C VAL B 94 20.56 2.33 -3.35
N ASP B 95 21.87 2.41 -3.11
CA ASP B 95 22.75 3.01 -4.11
C ASP B 95 22.81 2.25 -5.42
N ALA B 96 22.99 0.94 -5.36
CA ALA B 96 22.98 0.09 -6.56
C ALA B 96 21.64 0.14 -7.31
N ASP B 97 20.53 0.13 -6.55
CA ASP B 97 19.23 0.26 -7.15
C ASP B 97 19.02 1.57 -7.87
N CYS B 98 19.42 2.67 -7.24
CA CYS B 98 19.36 3.97 -7.90
C CYS B 98 20.23 4.02 -9.16
N ALA B 99 21.40 3.37 -9.13
CA ALA B 99 22.25 3.34 -10.32
C ALA B 99 21.55 2.57 -11.44
N ARG B 100 20.91 1.44 -11.11
CA ARG B 100 20.11 0.70 -12.12
C ARG B 100 18.97 1.54 -12.67
N LEU B 101 18.26 2.26 -11.80
CA LEU B 101 17.15 3.10 -12.25
C LEU B 101 17.63 4.20 -13.19
N GLN B 102 18.76 4.83 -12.87
CA GLN B 102 19.34 5.88 -13.72
C GLN B 102 19.67 5.31 -15.09
N GLU B 103 20.32 4.14 -15.11
CA GLU B 103 20.69 3.44 -16.36
C GLU B 103 19.50 3.10 -17.23
N ARG B 104 18.37 2.85 -16.58
CA ARG B 104 17.12 2.52 -17.26
C ARG B 104 16.27 3.72 -17.61
N GLY B 105 16.80 4.94 -17.41
CA GLY B 105 16.16 6.17 -17.84
C GLY B 105 15.28 6.88 -16.82
N VAL B 106 15.34 6.45 -15.57
CA VAL B 106 14.49 7.04 -14.52
C VAL B 106 15.26 8.16 -13.85
N ALA B 107 14.56 9.27 -13.61
CA ALA B 107 15.13 10.43 -12.90
C ALA B 107 14.92 10.21 -11.41
N VAL B 108 16.02 10.06 -10.69
CA VAL B 108 16.00 9.73 -9.27
C VAL B 108 16.40 10.95 -8.47
N ASP B 109 15.80 11.12 -7.29
N ASP B 109 15.75 11.17 -7.34
CA ASP B 109 16.15 12.18 -6.33
CA ASP B 109 16.20 12.14 -6.34
C ASP B 109 16.74 11.54 -5.08
C ASP B 109 16.82 11.31 -5.25
N GLY B 110 18.08 11.59 -4.93
CA GLY B 110 18.77 10.90 -3.86
C GLY B 110 19.68 9.82 -4.42
N PRO B 111 20.14 8.88 -3.58
CA PRO B 111 19.72 8.72 -2.21
C PRO B 111 20.44 9.68 -1.28
N LYS B 112 19.83 9.93 -0.15
CA LYS B 112 20.47 10.67 0.93
C LYS B 112 20.14 10.06 2.28
N ASN B 113 21.02 10.30 3.24
CA ASN B 113 20.82 9.85 4.61
C ASN B 113 19.78 10.73 5.28
N THR B 114 18.80 10.09 5.91
CA THR B 114 17.75 10.75 6.67
C THR B 114 17.76 10.14 8.09
N PRO B 115 17.00 10.75 9.02
CA PRO B 115 16.86 10.14 10.34
C PRO B 115 16.23 8.76 10.30
N TRP B 116 15.51 8.46 9.22
CA TRP B 116 14.71 7.29 9.10
C TRP B 116 15.31 6.26 8.13
N GLY B 117 16.55 6.48 7.66
CA GLY B 117 17.21 5.55 6.76
C GLY B 117 17.77 6.27 5.53
N ARG B 118 18.32 5.50 4.60
CA ARG B 118 18.93 6.05 3.39
C ARG B 118 17.92 5.94 2.25
N GLN B 119 17.48 7.09 1.75
CA GLN B 119 16.23 7.16 0.95
C GLN B 119 16.39 7.88 -0.34
N ALA B 120 15.68 7.39 -1.35
CA ALA B 120 15.60 8.06 -2.65
C ALA B 120 14.16 8.05 -3.14
N MET B 121 13.85 8.92 -4.09
CA MET B 121 12.49 9.07 -4.63
C MET B 121 12.55 9.11 -6.14
N PHE B 122 11.50 8.58 -6.76
CA PHE B 122 11.34 8.65 -8.21
C PHE B 122 9.87 8.53 -8.56
N SER B 123 9.55 8.83 -9.81
CA SER B 123 8.16 8.83 -10.28
C SER B 123 7.92 7.72 -11.28
N ASP B 124 6.73 7.15 -11.25
CA ASP B 124 6.32 6.22 -12.33
C ASP B 124 5.81 7.02 -13.55
N PRO B 125 5.42 6.33 -14.64
CA PRO B 125 5.00 7.10 -15.82
C PRO B 125 3.85 8.09 -15.59
N ASP B 126 2.94 7.80 -14.67
CA ASP B 126 1.83 8.72 -14.39
C ASP B 126 2.16 9.84 -13.40
N GLY B 127 3.30 9.71 -12.73
CA GLY B 127 3.68 10.68 -11.74
C GLY B 127 3.39 10.27 -10.31
N ASN B 128 3.00 9.01 -10.09
CA ASN B 128 2.93 8.50 -8.72
C ASN B 128 4.36 8.52 -8.18
N VAL B 129 4.52 8.92 -6.91
CA VAL B 129 5.84 9.11 -6.33
C VAL B 129 6.20 7.87 -5.47
N ILE B 130 7.32 7.23 -5.84
N ILE B 130 7.30 7.22 -5.87
CA ILE B 130 7.78 5.98 -5.26
CA ILE B 130 7.77 5.98 -5.26
C ILE B 130 9.12 6.18 -4.60
C ILE B 130 9.04 6.34 -4.52
N GLY B 131 9.24 5.70 -3.37
CA GLY B 131 10.49 5.85 -2.60
C GLY B 131 11.24 4.54 -2.47
N LEU B 132 12.55 4.64 -2.27
CA LEU B 132 13.40 3.51 -1.92
C LEU B 132 13.98 3.83 -0.56
N ASN B 133 14.10 2.84 0.31
CA ASN B 133 14.73 3.02 1.61
C ASN B 133 15.53 1.79 1.99
N GLN B 134 16.76 2.04 2.46
CA GLN B 134 17.62 1.04 3.08
C GLN B 134 17.83 1.54 4.52
N PRO B 135 17.32 0.78 5.52
CA PRO B 135 17.45 1.25 6.90
C PRO B 135 18.88 1.21 7.44
#